data_3B7R
#
_entry.id   3B7R
#
_cell.length_a   78.330
_cell.length_b   86.937
_cell.length_c   99.109
_cell.angle_alpha   90.00
_cell.angle_beta   90.00
_cell.angle_gamma   90.00
#
_symmetry.space_group_name_H-M   'P 21 21 21'
#
loop_
_entity.id
_entity.type
_entity.pdbx_description
1 polymer 'Leukotriene A-4 hydrolase'
2 non-polymer 'ZINC ION'
3 non-polymer 'YTTERBIUM (III) ION'
4 non-polymer IMIDAZOLE
5 non-polymer "N-[3-[(1-AMINOETHYL)(HYDROXY)PHOSPHORYL]-2-(1,1'-BIPHENYL-4-YLMETHYL)PROPANOYL]ALANINE"
6 water water
#
_entity_poly.entity_id   1
_entity_poly.type   'polypeptide(L)'
_entity_poly.pdbx_seq_one_letter_code
;HHHHHHPEIVDTCSLASPASVCRTKHLHLRCSVDFTRRTLTGTAALTVQSQEDNLRSLVLDTKDLTIEKVVINGQEVKYA
LGERQSYKGSPMEISLPIALSKNQEIVIEISFETSPKSSALQWLTPEQTSGKEHPYLFSQCQAIHCRAILPCQDTPSVKL
TYTAEVSVPKELVALMSAIRDGETPDPEDPSRKIYKFIQKVPIPCYLIALVVGALESRQIGPRTLVWSEKEQVEKSAYEF
SETESMLKIAEDLGGPYVWGQYDLLVLPPSFPYGGMENPCLTFVTPTLLAGDKSLSNVIAHEISHSWTGNLVTNKTWDHF
WLNEGHTVYLERHICGRLFGEKFRHFNALGGWGELQNSVKTFGETHPFTKLVVDLTDIDPDVAYSSVPYEKGFALLFYLE
QLLGGPEIFLGFLKAYVEKFSYKSITTDDWKDFLYSYFKDKVDVLNQVDWNAWLYSPGLPPIKPNYDMTLTNACIALSQR
WITAKEDDLNSFNATDLKDLSSHQLNEFLAQTLQRAPLPLGHIKRMQEVYNFNAINNSEIRFRWLRLCIQSKWEDAIPLA
LKMATEQGRMKFTRPLFKDLAAFDKSHDQAVRTYQEHKASMHPVTAMLVGKDLKVD
;
_entity_poly.pdbx_strand_id   L
#
loop_
_chem_comp.id
_chem_comp.type
_chem_comp.name
_chem_comp.formula
BIR non-polymer N-[3-[(1-AMINOETHYL)(HYDROXY)PHOSPHORYL]-2-(1,1'-BIPHENYL-4-YLMETHYL)PROPANOYL]ALANINE 'C21 H27 N2 O5 P'
IMD non-polymer IMIDAZOLE 'C3 H5 N2 1'
YB non-polymer 'YTTERBIUM (III) ION' 'Yb 3'
ZN non-polymer 'ZINC ION' 'Zn 2'
#
# COMPACT_ATOMS: atom_id res chain seq x y z
N PRO A 7 -13.96 21.36 17.91
CA PRO A 7 -12.85 20.84 17.04
C PRO A 7 -13.26 19.58 16.24
N GLU A 8 -14.32 19.73 15.42
CA GLU A 8 -14.87 18.59 14.67
C GLU A 8 -14.03 18.20 13.43
N ILE A 9 -13.40 17.02 13.52
CA ILE A 9 -12.77 16.38 12.36
C ILE A 9 -13.51 15.05 12.06
N VAL A 10 -14.47 15.17 11.16
CA VAL A 10 -15.23 14.05 10.62
C VAL A 10 -14.54 13.46 9.38
N ASP A 11 -14.80 12.19 9.16
CA ASP A 11 -14.15 11.44 8.08
C ASP A 11 -15.13 11.38 6.89
N THR A 12 -14.83 12.17 5.86
CA THR A 12 -15.72 12.30 4.72
C THR A 12 -15.69 11.08 3.78
N CYS A 13 -14.83 10.08 4.06
CA CYS A 13 -14.82 8.86 3.26
C CYS A 13 -15.67 7.79 3.94
N SER A 14 -16.19 8.07 5.12
CA SER A 14 -17.02 7.10 5.85
C SER A 14 -18.46 7.60 6.03
N LEU A 15 -19.39 6.68 5.87
CA LEU A 15 -20.82 6.92 6.08
C LEU A 15 -21.26 6.50 7.49
N ALA A 16 -20.34 5.92 8.25
CA ALA A 16 -20.64 5.44 9.60
C ALA A 16 -20.77 6.55 10.64
N SER A 17 -21.36 6.25 11.80
CA SER A 17 -21.29 7.16 12.95
C SER A 17 -19.82 7.47 13.28
N PRO A 18 -19.50 8.72 13.50
CA PRO A 18 -18.12 9.07 13.79
C PRO A 18 -17.78 8.68 15.25
N ALA A 19 -16.50 8.79 15.55
CA ALA A 19 -15.94 8.41 16.83
C ALA A 19 -16.47 9.27 17.97
N SER A 20 -16.92 10.48 17.68
CA SER A 20 -17.52 11.33 18.68
C SER A 20 -18.92 10.81 19.15
N VAL A 21 -19.49 9.90 18.38
CA VAL A 21 -20.79 9.28 18.66
C VAL A 21 -20.68 7.90 19.30
N CYS A 22 -19.91 7.01 18.68
CA CYS A 22 -19.66 5.70 19.26
C CYS A 22 -18.34 5.17 18.73
N ARG A 23 -17.72 4.24 19.45
CA ARG A 23 -16.45 3.70 19.05
C ARG A 23 -16.45 2.18 19.16
N THR A 24 -16.07 1.52 18.07
CA THR A 24 -15.81 0.09 18.10
C THR A 24 -14.52 -0.22 18.87
N LYS A 25 -14.65 -1.06 19.89
CA LYS A 25 -13.52 -1.49 20.73
C LYS A 25 -12.93 -2.84 20.31
N HIS A 26 -13.80 -3.72 19.78
CA HIS A 26 -13.42 -5.10 19.46
C HIS A 26 -14.31 -5.68 18.36
N LEU A 27 -13.70 -6.53 17.53
CA LEU A 27 -14.43 -7.31 16.53
C LEU A 27 -14.13 -8.79 16.82
N HIS A 28 -15.18 -9.61 16.94
CA HIS A 28 -15.02 -11.06 16.93
C HIS A 28 -15.67 -11.53 15.62
N LEU A 29 -14.83 -11.98 14.70
CA LEU A 29 -15.24 -12.41 13.36
C LEU A 29 -15.28 -13.95 13.31
N ARG A 30 -16.41 -14.53 12.98
CA ARG A 30 -16.46 -15.95 12.69
C ARG A 30 -16.97 -16.07 11.27
N CYS A 31 -16.21 -16.66 10.37
CA CYS A 31 -16.60 -16.67 8.97
C CYS A 31 -16.12 -17.95 8.27
N SER A 32 -16.74 -18.20 7.12
CA SER A 32 -16.41 -19.34 6.27
C SER A 32 -16.17 -18.82 4.87
N VAL A 33 -15.12 -19.33 4.22
CA VAL A 33 -14.72 -18.90 2.90
C VAL A 33 -15.25 -19.90 1.88
N ASP A 34 -16.25 -19.51 1.11
CA ASP A 34 -16.90 -20.44 0.20
C ASP A 34 -16.39 -20.23 -1.23
N PHE A 35 -15.41 -20.99 -1.62
CA PHE A 35 -14.84 -20.84 -2.95
C PHE A 35 -15.81 -21.18 -4.12
N THR A 36 -16.82 -22.02 -3.86
CA THR A 36 -17.85 -22.38 -4.87
C THR A 36 -18.69 -21.16 -5.25
N ARG A 37 -19.01 -20.34 -4.26
CA ARG A 37 -19.84 -19.17 -4.45
C ARG A 37 -19.03 -17.84 -4.52
N ARG A 38 -17.73 -17.92 -4.24
CA ARG A 38 -16.90 -16.71 -4.02
C ARG A 38 -17.56 -15.74 -3.04
N THR A 39 -17.91 -16.27 -1.86
CA THR A 39 -18.46 -15.42 -0.80
C THR A 39 -17.79 -15.80 0.53
N LEU A 40 -17.66 -14.81 1.41
CA LEU A 40 -17.27 -15.02 2.78
C LEU A 40 -18.60 -14.78 3.53
N THR A 41 -19.01 -15.76 4.30
CA THR A 41 -20.23 -15.64 5.12
C THR A 41 -19.88 -15.78 6.58
N GLY A 42 -20.58 -15.07 7.41
CA GLY A 42 -20.37 -15.26 8.82
C GLY A 42 -21.04 -14.22 9.66
N THR A 43 -20.46 -14.03 10.83
CA THR A 43 -20.91 -13.06 11.80
C THR A 43 -19.78 -12.15 12.23
N ALA A 44 -20.06 -10.87 12.30
CA ALA A 44 -19.15 -9.87 12.82
C ALA A 44 -19.82 -9.36 14.08
N ALA A 45 -19.28 -9.75 15.22
CA ALA A 45 -19.70 -9.26 16.54
C ALA A 45 -18.85 -8.03 16.93
N LEU A 46 -19.45 -6.83 16.87
CA LEU A 46 -18.78 -5.62 17.23
C LEU A 46 -19.09 -5.19 18.64
N THR A 47 -18.05 -5.00 19.45
CA THR A 47 -18.20 -4.41 20.79
C THR A 47 -18.09 -2.92 20.61
N VAL A 48 -19.18 -2.20 20.88
CA VAL A 48 -19.28 -0.78 20.64
C VAL A 48 -19.53 0.00 21.93
N GLN A 49 -18.75 1.06 22.10
CA GLN A 49 -18.89 1.91 23.26
C GLN A 49 -19.59 3.22 22.85
N SER A 50 -20.74 3.52 23.44
CA SER A 50 -21.33 4.85 23.21
C SER A 50 -20.45 6.01 23.72
N GLN A 51 -20.37 7.09 22.96
CA GLN A 51 -19.69 8.30 23.37
C GLN A 51 -20.71 9.38 23.70
N GLU A 52 -22.00 9.01 23.68
CA GLU A 52 -23.09 9.97 23.88
C GLU A 52 -24.09 9.47 24.88
N ASP A 53 -24.77 10.41 25.55
CA ASP A 53 -25.98 10.08 26.31
C ASP A 53 -27.11 9.73 25.38
N ASN A 54 -27.92 8.78 25.81
CA ASN A 54 -29.20 8.42 25.15
C ASN A 54 -29.04 7.98 23.71
N LEU A 55 -28.06 7.14 23.46
CA LEU A 55 -27.78 6.70 22.09
C LEU A 55 -28.73 5.59 21.70
N ARG A 56 -29.52 5.82 20.66
CA ARG A 56 -30.55 4.88 20.25
C ARG A 56 -30.35 4.22 18.87
N SER A 57 -29.41 4.75 18.09
CA SER A 57 -29.08 4.16 16.82
C SER A 57 -27.65 4.48 16.44
N LEU A 58 -27.16 3.70 15.50
CA LEU A 58 -25.87 4.03 14.94
C LEU A 58 -25.79 3.50 13.51
N VAL A 59 -24.80 3.98 12.81
CA VAL A 59 -24.66 3.67 11.40
C VAL A 59 -23.27 3.07 11.15
N LEU A 60 -23.23 2.02 10.34
CA LEU A 60 -21.98 1.40 9.91
C LEU A 60 -21.83 1.54 8.38
N ASP A 61 -20.58 1.45 7.94
CA ASP A 61 -20.26 1.33 6.50
C ASP A 61 -20.46 -0.11 6.00
N THR A 62 -20.98 -0.25 4.76
CA THR A 62 -21.01 -1.53 4.09
C THR A 62 -20.78 -1.26 2.62
N LYS A 63 -20.38 -2.28 1.88
CA LYS A 63 -20.28 -2.12 0.42
C LYS A 63 -20.51 -3.51 -0.21
N ASP A 64 -21.64 -3.65 -0.94
CA ASP A 64 -21.98 -4.90 -1.60
C ASP A 64 -22.09 -6.05 -0.60
N LEU A 65 -22.59 -5.74 0.62
CA LEU A 65 -22.83 -6.78 1.62
C LEU A 65 -24.31 -7.17 1.62
N THR A 66 -24.56 -8.47 1.78
CA THR A 66 -25.91 -8.97 2.10
C THR A 66 -26.02 -9.14 3.61
N ILE A 67 -26.95 -8.41 4.21
CA ILE A 67 -27.24 -8.58 5.65
C ILE A 67 -28.39 -9.58 5.86
N GLU A 68 -28.14 -10.60 6.66
CA GLU A 68 -29.18 -11.59 7.01
C GLU A 68 -29.99 -11.14 8.24
N LYS A 69 -29.27 -10.72 9.28
CA LYS A 69 -29.89 -10.24 10.52
C LYS A 69 -28.84 -9.52 11.39
N VAL A 70 -29.37 -8.84 12.42
CA VAL A 70 -28.57 -8.14 13.43
C VAL A 70 -29.13 -8.52 14.81
N VAL A 71 -28.27 -9.01 15.68
CA VAL A 71 -28.69 -9.52 16.96
C VAL A 71 -28.01 -8.75 18.07
N ILE A 72 -28.81 -8.29 19.02
CA ILE A 72 -28.33 -7.62 20.23
C ILE A 72 -29.15 -8.19 21.38
N ASN A 73 -28.48 -8.53 22.47
CA ASN A 73 -29.12 -9.15 23.64
C ASN A 73 -29.94 -10.40 23.27
N GLY A 74 -29.45 -11.18 22.32
CA GLY A 74 -30.10 -12.41 21.91
C GLY A 74 -31.34 -12.31 21.06
N GLN A 75 -31.71 -11.11 20.60
CA GLN A 75 -32.89 -10.90 19.79
C GLN A 75 -32.54 -10.11 18.53
N GLU A 76 -33.25 -10.39 17.45
CA GLU A 76 -33.08 -9.66 16.21
C GLU A 76 -33.54 -8.22 16.40
N VAL A 77 -32.83 -7.28 15.80
CA VAL A 77 -33.22 -5.89 15.86
C VAL A 77 -33.44 -5.32 14.49
N LYS A 78 -34.10 -4.17 14.43
CA LYS A 78 -34.32 -3.50 13.17
C LYS A 78 -33.04 -2.83 12.65
N TYR A 79 -32.89 -2.89 11.34
CA TYR A 79 -31.84 -2.12 10.67
C TYR A 79 -32.35 -1.73 9.28
N ALA A 80 -31.65 -0.83 8.63
CA ALA A 80 -31.99 -0.48 7.25
C ALA A 80 -30.70 -0.12 6.49
N LEU A 81 -30.60 -0.56 5.24
CA LEU A 81 -29.53 -0.13 4.36
C LEU A 81 -30.02 1.06 3.54
N GLY A 82 -29.28 2.15 3.58
CA GLY A 82 -29.56 3.31 2.77
C GLY A 82 -29.13 3.07 1.34
N GLU A 83 -29.43 4.02 0.46
CA GLU A 83 -29.06 3.86 -0.95
C GLU A 83 -27.55 3.99 -1.13
N ARG A 84 -27.05 3.30 -2.13
CA ARG A 84 -25.64 3.30 -2.42
C ARG A 84 -25.13 4.70 -2.75
N GLN A 85 -23.96 5.03 -2.21
CA GLN A 85 -23.31 6.30 -2.49
C GLN A 85 -22.01 5.98 -3.20
N SER A 86 -22.13 5.46 -4.42
CA SER A 86 -20.98 5.20 -5.26
C SER A 86 -19.93 4.35 -4.52
N TYR A 87 -18.68 4.77 -4.56
CA TYR A 87 -17.58 3.93 -4.04
C TYR A 87 -17.59 3.85 -2.50
N LYS A 88 -18.35 4.73 -1.83
CA LYS A 88 -18.50 4.68 -0.39
C LYS A 88 -19.39 3.51 0.11
N GLY A 89 -20.21 2.95 -0.79
CA GLY A 89 -21.11 1.88 -0.46
C GLY A 89 -22.42 2.38 0.14
N SER A 90 -22.99 1.59 1.04
CA SER A 90 -24.33 1.84 1.54
C SER A 90 -24.31 1.90 3.07
N PRO A 91 -24.87 2.95 3.65
CA PRO A 91 -24.89 3.06 5.12
C PRO A 91 -25.90 2.09 5.71
N MET A 92 -25.51 1.49 6.83
CA MET A 92 -26.37 0.57 7.53
C MET A 92 -26.74 1.16 8.89
N GLU A 93 -27.99 1.55 9.05
CA GLU A 93 -28.45 2.09 10.32
C GLU A 93 -29.05 1.00 11.15
N ILE A 94 -28.61 0.89 12.41
CA ILE A 94 -29.08 -0.12 13.31
C ILE A 94 -29.84 0.56 14.46
N SER A 95 -31.02 0.04 14.75
CA SER A 95 -31.88 0.54 15.84
C SER A 95 -31.57 -0.24 17.11
N LEU A 96 -31.00 0.44 18.09
CA LEU A 96 -30.62 -0.21 19.34
C LEU A 96 -31.91 -0.48 20.15
N PRO A 97 -31.99 -1.64 20.81
CA PRO A 97 -33.18 -2.00 21.57
C PRO A 97 -33.31 -1.23 22.89
N ILE A 98 -32.20 -0.77 23.44
CA ILE A 98 -32.19 -0.03 24.67
C ILE A 98 -31.20 1.13 24.51
N ALA A 99 -31.67 2.32 24.89
CA ALA A 99 -30.86 3.51 24.81
C ALA A 99 -29.64 3.38 25.71
N LEU A 100 -28.45 3.75 25.19
CA LEU A 100 -27.20 3.66 25.91
C LEU A 100 -26.74 4.97 26.56
N SER A 101 -26.14 4.83 27.75
CA SER A 101 -25.43 5.88 28.40
C SER A 101 -24.06 6.13 27.84
N LYS A 102 -23.48 7.31 28.10
CA LYS A 102 -22.11 7.56 27.67
C LYS A 102 -21.18 6.52 28.33
N ASN A 103 -20.28 5.98 27.52
CA ASN A 103 -19.31 4.93 27.89
C ASN A 103 -19.90 3.54 28.05
N GLN A 104 -21.21 3.37 27.88
CA GLN A 104 -21.78 2.03 27.96
C GLN A 104 -21.34 1.23 26.73
N GLU A 105 -21.04 -0.05 26.95
CA GLU A 105 -20.65 -0.94 25.85
C GLU A 105 -21.67 -2.04 25.63
N ILE A 106 -21.96 -2.33 24.36
CA ILE A 106 -22.78 -3.50 23.99
C ILE A 106 -22.12 -4.28 22.88
N VAL A 107 -22.61 -5.49 22.64
CA VAL A 107 -22.17 -6.29 21.53
C VAL A 107 -23.27 -6.42 20.48
N ILE A 108 -22.92 -6.09 19.24
CA ILE A 108 -23.82 -6.16 18.10
C ILE A 108 -23.29 -7.22 17.14
N GLU A 109 -24.08 -8.29 16.99
CA GLU A 109 -23.67 -9.42 16.14
C GLU A 109 -24.40 -9.36 14.76
N ILE A 110 -23.66 -9.03 13.71
CA ILE A 110 -24.24 -8.94 12.40
C ILE A 110 -23.90 -10.17 11.55
N SER A 111 -24.93 -10.80 10.99
CA SER A 111 -24.83 -11.94 10.07
C SER A 111 -24.85 -11.42 8.63
N PHE A 112 -23.77 -11.72 7.87
CA PHE A 112 -23.54 -11.12 6.56
C PHE A 112 -22.90 -12.14 5.62
N GLU A 113 -22.87 -11.72 4.37
CA GLU A 113 -22.25 -12.42 3.26
C GLU A 113 -21.68 -11.35 2.29
N THR A 114 -20.47 -11.57 1.83
CA THR A 114 -19.89 -10.66 0.84
C THR A 114 -20.40 -11.02 -0.58
N SER A 115 -20.17 -10.09 -1.48
CA SER A 115 -20.46 -10.29 -2.89
C SER A 115 -19.23 -10.82 -3.56
N PRO A 116 -19.38 -11.69 -4.57
CA PRO A 116 -18.20 -12.11 -5.37
C PRO A 116 -17.42 -10.94 -5.92
N LYS A 117 -18.09 -9.82 -6.16
CA LYS A 117 -17.42 -8.63 -6.72
C LYS A 117 -16.80 -7.71 -5.65
N SER A 118 -16.77 -8.18 -4.39
CA SER A 118 -16.17 -7.41 -3.29
C SER A 118 -14.89 -6.66 -3.71
N SER A 119 -14.87 -5.34 -3.54
CA SER A 119 -13.72 -4.57 -3.90
C SER A 119 -12.51 -4.78 -2.99
N ALA A 120 -12.71 -5.42 -1.85
CA ALA A 120 -11.64 -5.82 -0.93
C ALA A 120 -10.89 -7.08 -1.34
N LEU A 121 -11.53 -7.91 -2.17
CA LEU A 121 -11.15 -9.30 -2.38
C LEU A 121 -10.77 -9.63 -3.82
N GLN A 122 -9.80 -10.52 -3.96
CA GLN A 122 -9.59 -11.17 -5.25
C GLN A 122 -9.62 -12.67 -5.00
N TRP A 123 -10.47 -13.34 -5.79
CA TRP A 123 -10.64 -14.76 -5.83
C TRP A 123 -9.96 -15.28 -7.09
N LEU A 124 -9.04 -16.18 -6.89
CA LEU A 124 -8.20 -16.77 -7.94
C LEU A 124 -8.58 -18.22 -8.12
N THR A 125 -8.75 -18.66 -9.38
CA THR A 125 -8.94 -20.07 -9.67
C THR A 125 -7.61 -20.82 -9.50
N PRO A 126 -7.63 -22.16 -9.45
CA PRO A 126 -6.37 -22.94 -9.46
C PRO A 126 -5.40 -22.55 -10.57
N GLU A 127 -5.91 -22.25 -11.76
CA GLU A 127 -5.02 -21.96 -12.91
C GLU A 127 -4.29 -20.62 -12.75
N GLN A 128 -4.85 -19.71 -11.93
CA GLN A 128 -4.25 -18.42 -11.55
C GLN A 128 -3.14 -18.45 -10.46
N THR A 129 -2.90 -19.62 -9.89
CA THR A 129 -1.95 -19.81 -8.81
C THR A 129 -0.69 -20.53 -9.33
N SER A 130 0.30 -20.69 -8.46
CA SER A 130 1.55 -21.34 -8.85
C SER A 130 1.34 -22.85 -9.03
N GLY A 131 0.58 -23.44 -8.11
CA GLY A 131 0.53 -24.88 -7.96
C GLY A 131 -0.51 -25.53 -8.88
N LYS A 132 -1.51 -24.74 -9.30
CA LYS A 132 -2.50 -25.10 -10.31
C LYS A 132 -3.57 -26.12 -9.83
N GLU A 133 -3.55 -26.46 -8.55
CA GLU A 133 -4.45 -27.47 -8.00
C GLU A 133 -5.45 -26.91 -6.99
N HIS A 134 -5.25 -25.69 -6.53
CA HIS A 134 -6.10 -25.15 -5.48
C HIS A 134 -6.34 -23.68 -5.74
N PRO A 135 -7.50 -23.16 -5.32
CA PRO A 135 -7.85 -21.75 -5.49
C PRO A 135 -7.18 -20.95 -4.38
N TYR A 136 -7.42 -19.65 -4.39
CA TYR A 136 -6.71 -18.71 -3.52
C TYR A 136 -7.54 -17.45 -3.36
N LEU A 137 -7.51 -16.89 -2.17
CA LEU A 137 -8.21 -15.68 -1.84
C LEU A 137 -7.27 -14.73 -1.13
N PHE A 138 -7.26 -13.46 -1.49
CA PHE A 138 -6.57 -12.46 -0.64
C PHE A 138 -7.39 -11.15 -0.55
N SER A 139 -7.24 -10.46 0.59
CA SER A 139 -7.86 -9.16 0.85
C SER A 139 -6.87 -7.99 0.71
N GLN A 140 -7.44 -6.81 0.51
CA GLN A 140 -6.67 -5.56 0.55
C GLN A 140 -7.63 -4.46 0.97
N CYS A 141 -7.61 -4.12 2.26
CA CYS A 141 -8.63 -3.24 2.81
C CYS A 141 -8.29 -1.76 2.67
N GLN A 142 -7.00 -1.41 2.69
CA GLN A 142 -6.67 0.00 2.60
C GLN A 142 -7.05 0.59 1.23
N ALA A 143 -7.69 1.76 1.14
CA ALA A 143 -8.08 2.59 2.30
C ALA A 143 -9.42 2.19 2.89
N ILE A 144 -10.47 2.12 2.03
CA ILE A 144 -11.87 2.02 2.49
C ILE A 144 -12.58 0.77 1.92
N HIS A 145 -11.83 -0.33 1.89
CA HIS A 145 -12.40 -1.60 1.41
C HIS A 145 -12.78 -2.58 2.51
N CYS A 146 -12.46 -2.30 3.79
CA CYS A 146 -12.92 -3.20 4.85
C CYS A 146 -14.44 -3.31 4.88
N ARG A 147 -15.13 -2.23 4.54
CA ARG A 147 -16.58 -2.25 4.44
C ARG A 147 -17.15 -3.19 3.39
N ALA A 148 -16.32 -3.58 2.42
CA ALA A 148 -16.64 -4.58 1.43
C ALA A 148 -16.42 -6.01 1.91
N ILE A 149 -15.87 -6.19 3.12
CA ILE A 149 -15.79 -7.52 3.77
C ILE A 149 -16.84 -7.66 4.88
N LEU A 150 -16.92 -6.67 5.73
CA LEU A 150 -17.81 -6.76 6.88
C LEU A 150 -18.31 -5.37 7.31
N PRO A 151 -19.44 -5.32 7.96
CA PRO A 151 -19.92 -4.02 8.44
C PRO A 151 -19.06 -3.46 9.57
N CYS A 152 -18.73 -2.18 9.49
CA CYS A 152 -17.83 -1.58 10.40
C CYS A 152 -17.87 -0.06 10.27
N GLN A 153 -17.35 0.59 11.28
CA GLN A 153 -16.96 2.00 11.17
C GLN A 153 -15.69 2.11 10.38
N ASP A 154 -15.81 2.32 9.05
CA ASP A 154 -14.65 2.12 8.18
C ASP A 154 -13.87 3.41 8.02
N THR A 155 -13.19 3.76 9.10
CA THR A 155 -12.46 4.99 9.27
C THR A 155 -11.25 4.72 10.19
N PRO A 156 -10.11 5.27 9.85
CA PRO A 156 -8.91 5.07 10.63
C PRO A 156 -8.87 5.90 11.92
N SER A 157 -9.94 6.65 12.17
CA SER A 157 -10.13 7.43 13.39
C SER A 157 -10.57 6.56 14.56
N VAL A 158 -10.84 5.26 14.31
CA VAL A 158 -11.33 4.31 15.32
C VAL A 158 -10.35 3.15 15.33
N LYS A 159 -9.92 2.72 16.52
CA LYS A 159 -9.05 1.57 16.65
C LYS A 159 -9.63 0.51 17.55
N LEU A 160 -9.51 -0.74 17.12
CA LEU A 160 -10.12 -1.87 17.80
C LEU A 160 -9.16 -3.04 17.85
N THR A 161 -9.34 -3.93 18.81
CA THR A 161 -8.68 -5.24 18.74
C THR A 161 -9.60 -6.21 18.02
N TYR A 162 -9.07 -7.39 17.67
CA TYR A 162 -9.91 -8.41 17.10
C TYR A 162 -9.48 -9.81 17.33
N THR A 163 -10.49 -10.68 17.31
CA THR A 163 -10.28 -12.14 17.23
C THR A 163 -11.09 -12.70 16.07
N ALA A 164 -10.64 -13.79 15.47
CA ALA A 164 -11.27 -14.32 14.30
C ALA A 164 -11.09 -15.83 14.25
N GLU A 165 -12.14 -16.49 13.77
CA GLU A 165 -12.12 -17.90 13.43
C GLU A 165 -12.65 -18.02 12.03
N VAL A 166 -11.89 -18.70 11.20
CA VAL A 166 -12.12 -18.70 9.74
C VAL A 166 -12.12 -20.18 9.28
N SER A 167 -13.25 -20.63 8.73
CA SER A 167 -13.39 -21.97 8.20
C SER A 167 -13.04 -21.94 6.70
N VAL A 168 -12.16 -22.85 6.33
CA VAL A 168 -11.69 -23.02 4.96
C VAL A 168 -11.61 -24.53 4.61
N PRO A 169 -11.62 -24.84 3.32
CA PRO A 169 -11.33 -26.21 2.87
C PRO A 169 -10.06 -26.71 3.55
N LYS A 170 -10.06 -27.94 4.02
CA LYS A 170 -9.04 -28.43 4.90
C LYS A 170 -7.66 -28.55 4.30
N GLU A 171 -7.60 -28.62 2.98
CA GLU A 171 -6.32 -28.69 2.28
C GLU A 171 -5.66 -27.30 2.17
N LEU A 172 -6.37 -26.25 2.58
CA LEU A 172 -5.87 -24.85 2.50
C LEU A 172 -5.48 -24.27 3.87
N VAL A 173 -4.79 -23.14 3.85
CA VAL A 173 -4.33 -22.44 5.06
C VAL A 173 -4.86 -21.02 5.02
N ALA A 174 -5.40 -20.57 6.15
CA ALA A 174 -5.78 -19.20 6.32
C ALA A 174 -4.73 -18.49 7.18
N LEU A 175 -4.43 -17.26 6.82
CA LEU A 175 -3.64 -16.37 7.67
C LEU A 175 -4.32 -14.99 7.71
N MET A 176 -4.06 -14.28 8.78
CA MET A 176 -4.59 -12.92 8.99
C MET A 176 -3.51 -12.01 9.60
N SER A 177 -3.87 -10.74 9.71
CA SER A 177 -3.07 -9.70 10.33
C SER A 177 -3.14 -9.76 11.86
N ALA A 178 -2.62 -10.86 12.38
CA ALA A 178 -2.86 -11.24 13.77
C ALA A 178 -1.93 -12.38 14.15
N ILE A 179 -1.87 -12.72 15.42
CA ILE A 179 -1.15 -13.90 15.86
C ILE A 179 -1.97 -15.15 15.67
N ARG A 180 -1.35 -16.18 15.12
CA ARG A 180 -2.02 -17.47 14.94
C ARG A 180 -2.33 -18.04 16.29
N ASP A 181 -3.54 -18.55 16.42
CA ASP A 181 -3.97 -19.15 17.65
C ASP A 181 -4.55 -20.57 17.47
N GLY A 182 -3.98 -21.31 16.55
CA GLY A 182 -4.33 -22.73 16.38
C GLY A 182 -5.29 -23.03 15.27
N GLU A 183 -5.50 -24.33 15.08
CA GLU A 183 -6.34 -24.80 14.01
C GLU A 183 -7.03 -26.08 14.49
N THR A 184 -8.24 -26.33 13.98
CA THR A 184 -9.01 -27.55 14.31
C THR A 184 -9.91 -27.94 13.13
N PRO A 185 -10.31 -29.22 13.06
CA PRO A 185 -11.32 -29.60 12.07
C PRO A 185 -12.60 -28.83 12.36
N ASP A 186 -13.33 -28.43 11.33
CA ASP A 186 -14.55 -27.69 11.52
C ASP A 186 -15.64 -28.72 11.89
N PRO A 187 -16.22 -28.62 13.09
CA PRO A 187 -17.25 -29.59 13.49
C PRO A 187 -18.52 -29.56 12.65
N GLU A 188 -18.84 -28.43 12.04
CA GLU A 188 -20.00 -28.39 11.18
C GLU A 188 -19.76 -28.86 9.72
N ASP A 189 -18.50 -29.16 9.39
CA ASP A 189 -18.14 -29.68 8.07
C ASP A 189 -16.74 -30.25 8.07
N PRO A 190 -16.59 -31.56 8.25
CA PRO A 190 -15.26 -32.22 8.26
C PRO A 190 -14.41 -32.10 6.97
N SER A 191 -14.95 -31.58 5.88
CA SER A 191 -14.13 -31.25 4.73
C SER A 191 -13.35 -29.91 4.94
N ARG A 192 -13.53 -29.29 6.11
CA ARG A 192 -13.00 -27.94 6.40
C ARG A 192 -12.17 -27.90 7.69
N LYS A 193 -11.33 -26.86 7.80
CA LYS A 193 -10.56 -26.56 9.04
C LYS A 193 -10.91 -25.15 9.52
N ILE A 194 -10.93 -24.95 10.83
CA ILE A 194 -11.03 -23.62 11.41
C ILE A 194 -9.61 -23.16 11.88
N TYR A 195 -9.19 -21.98 11.41
CA TYR A 195 -7.98 -21.35 11.82
C TYR A 195 -8.37 -20.16 12.70
N LYS A 196 -7.67 -19.96 13.81
CA LYS A 196 -8.00 -18.95 14.80
C LYS A 196 -6.84 -17.92 14.90
N PHE A 197 -7.22 -16.66 15.20
CA PHE A 197 -6.34 -15.50 15.17
C PHE A 197 -6.73 -14.55 16.31
N ILE A 198 -5.71 -13.89 16.88
CA ILE A 198 -5.86 -12.86 17.89
C ILE A 198 -4.94 -11.68 17.59
N GLN A 199 -5.53 -10.50 17.50
CA GLN A 199 -4.83 -9.25 17.41
C GLN A 199 -5.16 -8.46 18.67
N LYS A 200 -4.22 -8.45 19.63
CA LYS A 200 -4.43 -7.83 20.95
C LYS A 200 -4.06 -6.33 20.96
N VAL A 201 -3.44 -5.85 19.88
CA VAL A 201 -3.08 -4.44 19.80
C VAL A 201 -4.16 -3.68 19.00
N PRO A 202 -4.69 -2.55 19.52
CA PRO A 202 -5.73 -1.82 18.78
C PRO A 202 -5.22 -1.27 17.45
N ILE A 203 -5.98 -1.57 16.42
CA ILE A 203 -5.70 -1.17 15.06
C ILE A 203 -6.89 -0.52 14.37
N PRO A 204 -6.59 0.31 13.38
CA PRO A 204 -7.64 0.78 12.48
C PRO A 204 -8.08 -0.36 11.60
N CYS A 205 -9.36 -0.37 11.22
CA CYS A 205 -9.90 -1.56 10.50
C CYS A 205 -9.27 -1.79 9.10
N TYR A 206 -8.63 -0.78 8.50
CA TYR A 206 -7.97 -0.98 7.20
C TYR A 206 -6.81 -1.97 7.27
N LEU A 207 -6.37 -2.27 8.48
CA LEU A 207 -5.27 -3.22 8.74
C LEU A 207 -5.78 -4.68 8.94
N ILE A 208 -7.10 -4.89 8.93
CA ILE A 208 -7.63 -6.22 8.84
C ILE A 208 -7.24 -6.87 7.51
N ALA A 209 -6.76 -8.09 7.56
CA ALA A 209 -6.34 -8.79 6.32
C ALA A 209 -6.50 -10.31 6.47
N LEU A 210 -6.77 -10.96 5.34
CA LEU A 210 -7.03 -12.38 5.23
C LEU A 210 -6.45 -12.90 3.92
N VAL A 211 -5.80 -14.06 4.00
CA VAL A 211 -5.41 -14.84 2.85
C VAL A 211 -5.79 -16.30 3.08
N VAL A 212 -6.23 -16.98 2.01
CA VAL A 212 -6.54 -18.40 2.09
C VAL A 212 -5.96 -19.04 0.84
N GLY A 213 -5.13 -20.04 1.03
CA GLY A 213 -4.54 -20.75 -0.10
C GLY A 213 -3.65 -21.89 0.31
N ALA A 214 -3.00 -22.50 -0.68
CA ALA A 214 -2.05 -23.58 -0.44
C ALA A 214 -0.67 -23.03 -0.03
N LEU A 215 -0.58 -22.59 1.22
CA LEU A 215 0.56 -21.83 1.71
C LEU A 215 1.48 -22.72 2.52
N GLU A 216 2.76 -22.51 2.36
CA GLU A 216 3.81 -23.14 3.18
C GLU A 216 4.66 -22.05 3.78
N SER A 217 5.48 -22.38 4.76
CA SER A 217 6.28 -21.36 5.45
C SER A 217 7.71 -21.83 5.65
N ARG A 218 8.61 -20.86 5.79
CA ARG A 218 10.00 -21.09 6.16
C ARG A 218 10.48 -20.01 7.12
N GLN A 219 11.16 -20.42 8.19
CA GLN A 219 11.69 -19.45 9.11
C GLN A 219 12.91 -18.76 8.52
N ILE A 220 12.98 -17.41 8.66
CA ILE A 220 14.13 -16.63 8.15
C ILE A 220 14.74 -15.73 9.20
N GLY A 221 14.15 -15.71 10.39
CA GLY A 221 14.68 -14.92 11.49
C GLY A 221 13.99 -15.31 12.78
N PRO A 222 14.40 -14.70 13.90
CA PRO A 222 13.86 -15.08 15.21
C PRO A 222 12.37 -14.82 15.41
N ARG A 223 11.83 -13.89 14.63
CA ARG A 223 10.41 -13.55 14.70
C ARG A 223 9.78 -13.40 13.32
N THR A 224 10.27 -14.15 12.34
CA THR A 224 9.81 -14.04 10.94
C THR A 224 9.79 -15.38 10.21
N LEU A 225 8.63 -15.74 9.72
CA LEU A 225 8.44 -16.78 8.70
C LEU A 225 8.07 -16.08 7.41
N VAL A 226 8.58 -16.63 6.31
CA VAL A 226 8.06 -16.25 5.00
C VAL A 226 7.02 -17.28 4.59
N TRP A 227 5.91 -16.81 4.02
CA TRP A 227 4.78 -17.65 3.59
C TRP A 227 4.54 -17.41 2.11
N SER A 228 4.34 -18.48 1.36
CA SER A 228 4.03 -18.42 -0.06
C SER A 228 3.56 -19.81 -0.50
N GLU A 229 3.16 -19.93 -1.75
CA GLU A 229 3.05 -21.28 -2.32
C GLU A 229 4.42 -21.90 -2.35
N LYS A 230 4.44 -23.24 -2.34
CA LYS A 230 5.67 -24.00 -2.27
C LYS A 230 6.70 -23.58 -3.30
N GLU A 231 6.23 -23.25 -4.49
CA GLU A 231 7.13 -22.89 -5.60
C GLU A 231 8.00 -21.65 -5.38
N GLN A 232 7.54 -20.75 -4.52
CA GLN A 232 8.19 -19.49 -4.21
C GLN A 232 8.89 -19.43 -2.85
N VAL A 233 8.76 -20.46 -2.03
CA VAL A 233 9.31 -20.40 -0.67
C VAL A 233 10.84 -20.20 -0.62
N GLU A 234 11.62 -21.01 -1.35
CA GLU A 234 13.10 -20.91 -1.28
C GLU A 234 13.60 -19.56 -1.75
N LYS A 235 13.09 -19.10 -2.87
CA LYS A 235 13.51 -17.84 -3.43
C LYS A 235 13.12 -16.66 -2.51
N SER A 236 11.97 -16.74 -1.88
CA SER A 236 11.49 -15.66 -0.97
C SER A 236 12.38 -15.60 0.32
N ALA A 237 12.77 -16.75 0.86
CA ALA A 237 13.61 -16.80 2.01
C ALA A 237 14.93 -16.10 1.80
N TYR A 238 15.54 -16.28 0.61
CA TYR A 238 16.79 -15.62 0.31
C TYR A 238 16.54 -14.12 0.10
N GLU A 239 15.52 -13.81 -0.70
CA GLU A 239 15.29 -12.42 -1.12
C GLU A 239 15.14 -11.52 0.07
N PHE A 240 14.44 -12.01 1.11
CA PHE A 240 14.08 -11.20 2.26
C PHE A 240 14.90 -11.54 3.51
N SER A 241 16.08 -12.11 3.31
CA SER A 241 16.92 -12.53 4.45
C SER A 241 17.42 -11.35 5.34
N GLU A 242 17.39 -10.11 4.83
CA GLU A 242 17.78 -8.92 5.62
C GLU A 242 16.69 -8.43 6.59
N THR A 243 15.54 -9.12 6.61
CA THR A 243 14.36 -8.67 7.39
C THR A 243 14.69 -8.43 8.89
N GLU A 244 15.25 -9.44 9.56
CA GLU A 244 15.60 -9.25 10.96
C GLU A 244 16.58 -8.08 11.20
N SER A 245 17.59 -7.91 10.36
CA SER A 245 18.52 -6.79 10.53
C SER A 245 17.83 -5.44 10.39
N MET A 246 16.85 -5.38 9.48
CA MET A 246 16.06 -4.17 9.29
C MET A 246 15.14 -3.95 10.47
N LEU A 247 14.55 -5.00 11.03
CA LEU A 247 13.74 -4.84 12.22
C LEU A 247 14.52 -4.25 13.40
N LYS A 248 15.76 -4.74 13.58
CA LYS A 248 16.58 -4.25 14.69
C LYS A 248 16.92 -2.77 14.52
N ILE A 249 17.19 -2.34 13.28
CA ILE A 249 17.50 -0.94 13.06
C ILE A 249 16.24 -0.13 13.28
N ALA A 250 15.10 -0.62 12.76
CA ALA A 250 13.82 0.07 12.96
C ALA A 250 13.50 0.24 14.44
N GLU A 251 13.74 -0.78 15.27
CA GLU A 251 13.51 -0.65 16.70
C GLU A 251 14.40 0.39 17.36
N ASP A 252 15.64 0.52 16.88
CA ASP A 252 16.57 1.54 17.36
C ASP A 252 16.02 2.94 17.07
N LEU A 253 15.43 3.10 15.91
CA LEU A 253 14.93 4.38 15.46
C LEU A 253 13.54 4.71 16.02
N GLY A 254 12.69 3.69 16.17
CA GLY A 254 11.28 3.92 16.47
C GLY A 254 10.82 3.55 17.86
N GLY A 255 11.64 2.76 18.54
CA GLY A 255 11.25 2.17 19.81
C GLY A 255 10.81 0.74 19.61
N PRO A 256 10.41 0.09 20.70
CA PRO A 256 10.09 -1.36 20.65
C PRO A 256 9.08 -1.72 19.58
N TYR A 257 9.38 -2.82 18.92
CA TYR A 257 8.39 -3.48 18.03
C TYR A 257 7.36 -4.18 18.92
N VAL A 258 6.07 -3.80 18.80
CA VAL A 258 5.05 -4.23 19.78
C VAL A 258 4.16 -5.38 19.33
N TRP A 259 4.34 -5.84 18.07
CA TRP A 259 3.36 -6.69 17.40
C TRP A 259 3.67 -8.18 17.51
N GLY A 260 4.76 -8.51 18.18
CA GLY A 260 5.14 -9.91 18.39
C GLY A 260 5.89 -10.49 17.18
N GLN A 261 5.16 -11.00 16.20
CA GLN A 261 5.77 -11.62 15.03
C GLN A 261 5.86 -10.55 13.94
N TYR A 262 6.86 -10.66 13.08
CA TYR A 262 6.89 -9.97 11.81
C TYR A 262 7.04 -11.01 10.68
N ASP A 263 5.91 -11.50 10.16
CA ASP A 263 5.92 -12.50 9.07
C ASP A 263 5.71 -11.77 7.75
N LEU A 264 6.11 -12.45 6.68
CA LEU A 264 5.92 -11.98 5.32
C LEU A 264 5.12 -12.97 4.52
N LEU A 265 4.21 -12.46 3.70
CA LEU A 265 3.45 -13.26 2.77
C LEU A 265 3.76 -12.73 1.39
N VAL A 266 4.20 -13.61 0.49
CA VAL A 266 4.45 -13.23 -0.89
C VAL A 266 3.23 -13.73 -1.68
N LEU A 267 2.43 -12.77 -2.13
CA LEU A 267 1.17 -13.05 -2.84
C LEU A 267 1.38 -13.51 -4.27
N PRO A 268 0.31 -13.92 -4.94
CA PRO A 268 0.40 -14.20 -6.38
C PRO A 268 0.57 -12.86 -7.11
N PRO A 269 0.87 -12.92 -8.40
CA PRO A 269 1.32 -11.73 -9.12
C PRO A 269 0.31 -10.63 -9.27
N SER A 270 -0.98 -10.93 -9.11
CA SER A 270 -2.00 -9.87 -9.22
C SER A 270 -2.15 -8.99 -7.97
N PHE A 271 -1.34 -9.19 -6.93
CA PHE A 271 -1.42 -8.29 -5.77
C PHE A 271 -1.19 -6.85 -6.29
N PRO A 272 -2.13 -5.94 -6.02
CA PRO A 272 -2.03 -4.60 -6.62
C PRO A 272 -0.93 -3.66 -6.17
N TYR A 273 -0.31 -3.88 -5.02
CA TYR A 273 0.71 -3.03 -4.46
C TYR A 273 2.07 -3.77 -4.39
N GLY A 274 3.16 -3.04 -4.17
CA GLY A 274 4.43 -3.61 -3.81
C GLY A 274 4.39 -4.26 -2.42
N GLY A 275 3.77 -3.56 -1.48
CA GLY A 275 3.61 -4.02 -0.10
C GLY A 275 2.42 -3.45 0.62
N MET A 276 1.97 -4.14 1.68
CA MET A 276 0.91 -3.62 2.52
C MET A 276 1.24 -4.07 3.94
N GLU A 277 1.21 -3.11 4.85
CA GLU A 277 1.76 -3.26 6.20
C GLU A 277 0.81 -3.96 7.20
N ASN A 278 0.13 -4.98 6.73
CA ASN A 278 -0.84 -5.67 7.60
C ASN A 278 -0.09 -6.17 8.85
N PRO A 279 -0.57 -5.83 10.04
CA PRO A 279 0.21 -6.08 11.27
C PRO A 279 0.38 -7.59 11.49
N CYS A 280 1.61 -7.95 11.84
CA CYS A 280 2.05 -9.32 12.03
C CYS A 280 2.33 -10.08 10.75
N LEU A 281 1.92 -9.54 9.63
CA LEU A 281 1.93 -10.28 8.37
C LEU A 281 1.91 -9.28 7.21
N THR A 282 3.06 -8.69 6.93
CA THR A 282 3.21 -7.82 5.76
C THR A 282 2.94 -8.63 4.49
N PHE A 283 2.17 -8.08 3.55
CA PHE A 283 1.91 -8.68 2.26
C PHE A 283 2.86 -8.03 1.25
N VAL A 284 3.52 -8.83 0.41
CA VAL A 284 4.31 -8.28 -0.67
C VAL A 284 4.06 -8.90 -2.04
N THR A 285 4.38 -8.12 -3.08
CA THR A 285 4.34 -8.58 -4.45
C THR A 285 5.48 -9.57 -4.77
N PRO A 286 5.18 -10.60 -5.59
CA PRO A 286 6.26 -11.47 -6.05
C PRO A 286 7.18 -10.75 -7.04
N THR A 287 6.83 -9.56 -7.51
CA THR A 287 7.77 -8.84 -8.38
C THR A 287 9.00 -8.34 -7.59
N LEU A 288 9.02 -8.56 -6.26
CA LEU A 288 10.23 -8.28 -5.50
C LEU A 288 11.33 -9.32 -5.67
N LEU A 289 10.99 -10.47 -6.27
CA LEU A 289 11.89 -11.62 -6.28
C LEU A 289 12.92 -11.50 -7.42
N ALA A 290 13.79 -10.49 -7.28
CA ALA A 290 14.83 -10.19 -8.27
C ALA A 290 16.01 -11.17 -8.24
N GLY A 291 16.21 -11.87 -7.12
CA GLY A 291 17.27 -12.83 -6.99
C GLY A 291 18.49 -12.28 -6.30
N ASP A 292 18.51 -10.98 -6.00
CA ASP A 292 19.68 -10.35 -5.45
C ASP A 292 19.44 -9.36 -4.29
N LYS A 293 18.21 -9.38 -3.80
CA LYS A 293 17.76 -8.56 -2.70
C LYS A 293 17.71 -7.07 -3.04
N SER A 294 17.76 -6.72 -4.32
CA SER A 294 17.89 -5.32 -4.71
C SER A 294 16.60 -4.54 -4.48
N LEU A 295 15.46 -5.22 -4.38
CA LEU A 295 14.19 -4.54 -4.14
C LEU A 295 13.71 -4.54 -2.67
N SER A 296 14.65 -4.77 -1.74
CA SER A 296 14.27 -4.98 -0.36
C SER A 296 13.96 -3.67 0.39
N ASN A 297 14.10 -2.50 -0.25
CA ASN A 297 13.66 -1.29 0.42
C ASN A 297 12.16 -1.38 0.68
N VAL A 298 11.44 -2.17 -0.11
CA VAL A 298 10.01 -2.37 0.11
C VAL A 298 9.80 -3.02 1.48
N ILE A 299 10.67 -3.95 1.85
CA ILE A 299 10.57 -4.59 3.16
C ILE A 299 10.86 -3.57 4.28
N ALA A 300 11.86 -2.73 4.07
CA ALA A 300 12.22 -1.72 5.07
C ALA A 300 11.04 -0.76 5.26
N HIS A 301 10.37 -0.47 4.14
CA HIS A 301 9.17 0.38 4.14
C HIS A 301 8.06 -0.26 5.00
N GLU A 302 7.74 -1.52 4.71
CA GLU A 302 6.65 -2.20 5.41
C GLU A 302 6.99 -2.34 6.91
N ILE A 303 8.24 -2.69 7.20
CA ILE A 303 8.70 -2.77 8.59
C ILE A 303 8.43 -1.43 9.27
N SER A 304 8.83 -0.34 8.61
CA SER A 304 8.75 0.98 9.19
C SER A 304 7.31 1.35 9.56
N HIS A 305 6.34 0.87 8.77
CA HIS A 305 4.93 1.15 9.05
C HIS A 305 4.45 0.54 10.39
N SER A 306 5.21 -0.39 10.96
CA SER A 306 4.89 -0.96 12.28
C SER A 306 4.92 0.10 13.40
N TRP A 307 5.54 1.25 13.08
CA TRP A 307 5.49 2.45 13.88
C TRP A 307 4.67 3.56 13.22
N THR A 308 5.15 4.03 12.06
CA THR A 308 4.47 5.12 11.39
C THR A 308 3.36 4.58 10.50
N GLY A 309 2.11 4.67 10.97
CA GLY A 309 0.95 4.12 10.32
C GLY A 309 0.16 3.18 11.22
N ASN A 310 0.84 2.17 11.73
CA ASN A 310 0.18 1.14 12.53
C ASN A 310 0.07 1.51 14.01
N LEU A 311 1.05 2.25 14.54
CA LEU A 311 0.99 2.75 15.92
C LEU A 311 0.44 4.15 15.91
N VAL A 312 1.12 5.05 15.19
CA VAL A 312 0.57 6.39 14.93
C VAL A 312 -0.10 6.38 13.57
N THR A 313 -1.40 6.72 13.55
CA THR A 313 -2.25 6.53 12.38
C THR A 313 -2.88 7.82 11.93
N ASN A 314 -3.00 8.02 10.61
CA ASN A 314 -3.78 9.13 10.07
C ASN A 314 -5.24 9.07 10.52
N LYS A 315 -5.76 10.20 11.01
CA LYS A 315 -7.13 10.22 11.52
C LYS A 315 -8.16 10.07 10.41
N THR A 316 -7.83 10.61 9.24
CA THR A 316 -8.62 10.42 8.02
C THR A 316 -7.63 10.35 6.87
N TRP A 317 -8.11 9.94 5.71
CA TRP A 317 -7.26 9.75 4.54
C TRP A 317 -6.79 11.06 3.93
N ASP A 318 -7.36 12.17 4.37
CA ASP A 318 -6.89 13.47 3.94
C ASP A 318 -5.45 13.66 4.46
N HIS A 319 -5.10 12.96 5.54
CA HIS A 319 -3.84 13.11 6.25
C HIS A 319 -2.89 11.90 6.02
N PHE A 320 -3.15 11.16 4.92
CA PHE A 320 -2.39 9.98 4.46
C PHE A 320 -0.90 10.26 4.40
N TRP A 321 -0.50 11.49 4.02
CA TRP A 321 0.93 11.85 4.02
C TRP A 321 1.63 11.56 5.37
N LEU A 322 0.92 11.67 6.49
CA LEU A 322 1.54 11.40 7.79
C LEU A 322 2.05 9.95 7.82
N ASN A 323 1.19 9.03 7.41
CA ASN A 323 1.52 7.62 7.31
C ASN A 323 2.68 7.41 6.39
N GLU A 324 2.55 7.94 5.16
CA GLU A 324 3.52 7.63 4.12
C GLU A 324 4.80 8.44 4.12
N GLY A 325 4.74 9.75 4.34
CA GLY A 325 5.96 10.54 4.41
C GLY A 325 6.93 10.10 5.50
N HIS A 326 6.37 9.82 6.67
CA HIS A 326 7.16 9.38 7.80
C HIS A 326 7.74 8.01 7.56
N THR A 327 6.97 7.17 6.89
CA THR A 327 7.46 5.81 6.61
C THR A 327 8.57 5.83 5.61
N VAL A 328 8.45 6.68 4.58
CA VAL A 328 9.53 6.81 3.61
C VAL A 328 10.80 7.34 4.30
N TYR A 329 10.59 8.28 5.23
CA TYR A 329 11.71 8.84 5.99
C TYR A 329 12.45 7.78 6.82
N LEU A 330 11.72 7.02 7.61
CA LEU A 330 12.27 5.90 8.37
C LEU A 330 12.88 4.81 7.49
N GLU A 331 12.18 4.45 6.43
CA GLU A 331 12.69 3.51 5.40
C GLU A 331 14.06 3.93 4.88
N ARG A 332 14.18 5.18 4.46
CA ARG A 332 15.44 5.64 3.89
C ARG A 332 16.58 5.69 4.95
N HIS A 333 16.24 5.89 6.22
CA HIS A 333 17.26 5.75 7.24
C HIS A 333 17.70 4.30 7.45
N ILE A 334 16.78 3.34 7.34
CA ILE A 334 17.17 1.94 7.46
C ILE A 334 18.14 1.58 6.35
N CYS A 335 17.81 1.93 5.10
CA CYS A 335 18.69 1.67 3.99
C CYS A 335 20.05 2.43 4.15
N GLY A 336 20.04 3.62 4.75
CA GLY A 336 21.23 4.43 5.03
C GLY A 336 22.12 3.78 6.09
N ARG A 337 21.49 3.19 7.09
CA ARG A 337 22.25 2.48 8.13
C ARG A 337 22.93 1.24 7.52
N LEU A 338 22.21 0.57 6.65
CA LEU A 338 22.71 -0.67 6.04
C LEU A 338 23.79 -0.40 5.01
N PHE A 339 23.61 0.68 4.23
CA PHE A 339 24.42 0.89 3.01
C PHE A 339 25.12 2.25 2.92
N GLY A 340 24.88 3.13 3.88
CA GLY A 340 25.57 4.40 3.93
C GLY A 340 24.71 5.64 3.62
N GLU A 341 25.16 6.78 4.13
CA GLU A 341 24.47 8.06 3.97
C GLU A 341 24.40 8.54 2.52
N LYS A 342 25.46 8.26 1.75
CA LYS A 342 25.45 8.59 0.32
C LYS A 342 24.30 7.83 -0.39
N PHE A 343 24.05 6.61 0.05
CA PHE A 343 22.97 5.81 -0.52
C PHE A 343 21.60 6.37 -0.09
N ARG A 344 21.49 6.78 1.17
CA ARG A 344 20.25 7.46 1.62
C ARG A 344 19.98 8.68 0.74
N HIS A 345 21.01 9.48 0.47
CA HIS A 345 20.86 10.69 -0.36
C HIS A 345 20.48 10.35 -1.81
N PHE A 346 21.06 9.27 -2.36
CA PHE A 346 20.71 8.75 -3.69
C PHE A 346 19.22 8.38 -3.77
N ASN A 347 18.77 7.60 -2.80
CA ASN A 347 17.34 7.23 -2.74
C ASN A 347 16.43 8.42 -2.59
N ALA A 348 16.84 9.39 -1.76
CA ALA A 348 16.08 10.60 -1.51
C ALA A 348 15.95 11.39 -2.81
N LEU A 349 17.06 11.51 -3.54
CA LEU A 349 17.07 12.33 -4.73
C LEU A 349 16.24 11.68 -5.84
N GLY A 350 16.27 10.36 -5.94
CA GLY A 350 15.38 9.55 -6.80
C GLY A 350 13.92 9.82 -6.56
N GLY A 351 13.56 9.90 -5.27
CA GLY A 351 12.22 10.16 -4.83
C GLY A 351 11.75 11.54 -5.29
N TRP A 352 12.64 12.53 -5.23
CA TRP A 352 12.33 13.85 -5.75
C TRP A 352 11.99 13.76 -7.23
N GLY A 353 12.76 13.00 -7.99
CA GLY A 353 12.50 12.74 -9.42
C GLY A 353 11.15 12.10 -9.67
N GLU A 354 10.77 11.16 -8.80
CA GLU A 354 9.45 10.55 -8.92
C GLU A 354 8.35 11.58 -8.60
N LEU A 355 8.61 12.48 -7.65
CA LEU A 355 7.65 13.56 -7.33
C LEU A 355 7.50 14.52 -8.54
N GLN A 356 8.62 14.78 -9.21
CA GLN A 356 8.56 15.56 -10.45
C GLN A 356 7.64 14.93 -11.44
N ASN A 357 7.79 13.62 -11.63
CA ASN A 357 6.97 12.85 -12.57
C ASN A 357 5.49 12.92 -12.23
N SER A 358 5.17 12.72 -10.96
CA SER A 358 3.80 12.73 -10.52
C SER A 358 3.12 14.10 -10.72
N VAL A 359 3.85 15.15 -10.38
CA VAL A 359 3.36 16.52 -10.48
C VAL A 359 3.15 16.89 -11.97
N LYS A 360 4.05 16.43 -12.84
CA LYS A 360 3.93 16.62 -14.30
C LYS A 360 2.72 15.89 -14.87
N THR A 361 2.49 14.66 -14.41
CA THR A 361 1.35 13.82 -14.79
C THR A 361 0.00 14.44 -14.39
N PHE A 362 -0.15 14.85 -13.13
CA PHE A 362 -1.43 15.42 -12.70
C PHE A 362 -1.59 16.82 -13.23
N GLY A 363 -0.47 17.52 -13.30
CA GLY A 363 -0.41 18.94 -13.58
C GLY A 363 -0.14 19.72 -12.32
N GLU A 364 0.58 20.80 -12.46
CA GLU A 364 1.13 21.53 -11.33
C GLU A 364 0.11 22.26 -10.44
N THR A 365 -1.12 22.46 -10.92
CA THR A 365 -2.19 23.01 -10.07
C THR A 365 -3.20 22.00 -9.59
N HIS A 366 -2.98 20.72 -9.86
CA HIS A 366 -3.98 19.69 -9.60
C HIS A 366 -4.12 19.50 -8.09
N PRO A 367 -5.36 19.37 -7.62
CA PRO A 367 -5.60 19.15 -6.18
C PRO A 367 -4.92 17.91 -5.56
N PHE A 368 -4.70 16.85 -6.36
CA PHE A 368 -4.04 15.62 -5.86
C PHE A 368 -2.53 15.80 -5.66
N THR A 369 -1.96 16.96 -6.06
CA THR A 369 -0.55 17.29 -5.75
C THR A 369 -0.38 18.08 -4.47
N LYS A 370 -1.48 18.38 -3.78
CA LYS A 370 -1.33 18.92 -2.46
C LYS A 370 -0.95 17.80 -1.46
N LEU A 371 -0.25 18.18 -0.38
CA LEU A 371 0.16 17.24 0.66
C LEU A 371 -1.03 16.80 1.48
N VAL A 372 -1.82 17.78 1.94
CA VAL A 372 -3.07 17.49 2.60
C VAL A 372 -4.15 17.65 1.56
N VAL A 373 -4.93 16.61 1.33
CA VAL A 373 -5.89 16.59 0.24
C VAL A 373 -7.31 16.60 0.82
N ASP A 374 -8.30 16.97 0.01
CA ASP A 374 -9.69 16.90 0.42
C ASP A 374 -10.38 15.80 -0.39
N LEU A 375 -10.62 14.66 0.25
CA LEU A 375 -11.14 13.49 -0.44
C LEU A 375 -12.67 13.35 -0.35
N THR A 376 -13.35 14.45 0.00
CA THR A 376 -14.79 14.49 -0.14
C THR A 376 -15.18 14.16 -1.60
N ASP A 377 -15.96 13.12 -1.75
CA ASP A 377 -16.33 12.65 -3.10
C ASP A 377 -15.16 12.28 -4.02
N ILE A 378 -13.99 11.98 -3.48
CA ILE A 378 -12.94 11.38 -4.29
C ILE A 378 -12.69 9.95 -3.79
N ASP A 379 -12.70 8.98 -4.70
CA ASP A 379 -12.33 7.59 -4.39
C ASP A 379 -10.82 7.63 -4.02
N PRO A 380 -10.43 7.19 -2.82
CA PRO A 380 -9.00 7.17 -2.50
C PRO A 380 -8.11 6.42 -3.51
N ASP A 381 -8.63 5.36 -4.11
CA ASP A 381 -7.87 4.65 -5.14
C ASP A 381 -7.56 5.47 -6.38
N VAL A 382 -8.45 6.42 -6.68
CA VAL A 382 -8.26 7.35 -7.81
C VAL A 382 -7.22 8.44 -7.48
N ALA A 383 -7.21 8.91 -6.25
CA ALA A 383 -6.31 9.97 -5.80
C ALA A 383 -4.92 9.42 -5.53
N TYR A 384 -4.82 8.11 -5.26
CA TYR A 384 -3.54 7.54 -4.85
C TYR A 384 -2.41 7.83 -5.84
N SER A 385 -1.25 8.25 -5.30
CA SER A 385 -0.08 8.61 -6.12
C SER A 385 1.15 8.64 -5.25
N SER A 386 2.29 8.99 -5.85
CA SER A 386 3.54 9.19 -5.11
C SER A 386 3.58 10.48 -4.30
N VAL A 387 2.61 11.37 -4.48
CA VAL A 387 2.68 12.67 -3.82
C VAL A 387 2.82 12.57 -2.27
N PRO A 388 1.91 11.88 -1.58
CA PRO A 388 1.99 11.83 -0.12
C PRO A 388 3.35 11.22 0.37
N TYR A 389 3.91 10.30 -0.45
CA TYR A 389 5.19 9.62 -0.19
C TYR A 389 6.35 10.61 -0.27
N GLU A 390 6.46 11.23 -1.44
CA GLU A 390 7.62 12.00 -1.80
C GLU A 390 7.52 13.50 -1.49
N LYS A 391 6.34 14.12 -1.61
CA LYS A 391 6.21 15.47 -1.03
C LYS A 391 6.30 15.38 0.48
N GLY A 392 5.73 14.32 1.07
CA GLY A 392 5.83 14.15 2.51
C GLY A 392 7.28 13.97 2.95
N PHE A 393 7.98 13.08 2.27
CA PHE A 393 9.36 12.83 2.59
C PHE A 393 10.18 14.11 2.40
N ALA A 394 9.92 14.84 1.33
CA ALA A 394 10.70 16.05 1.06
C ALA A 394 10.53 17.10 2.16
N LEU A 395 9.32 17.26 2.71
CA LEU A 395 9.09 18.14 3.84
C LEU A 395 9.91 17.74 5.06
N LEU A 396 9.89 16.46 5.38
CA LEU A 396 10.66 15.93 6.49
C LEU A 396 12.19 16.08 6.31
N PHE A 397 12.69 15.84 5.09
CA PHE A 397 14.11 15.91 4.79
C PHE A 397 14.56 17.42 4.86
N TYR A 398 13.72 18.28 4.33
CA TYR A 398 13.86 19.74 4.44
C TYR A 398 13.94 20.19 5.91
N LEU A 399 12.99 19.74 6.71
CA LEU A 399 13.00 20.02 8.16
C LEU A 399 14.25 19.45 8.87
N GLU A 400 14.65 18.22 8.52
CA GLU A 400 15.87 17.63 9.01
C GLU A 400 17.10 18.55 8.80
N GLN A 401 17.23 19.06 7.57
CA GLN A 401 18.33 19.94 7.20
C GLN A 401 18.24 21.30 7.93
N LEU A 402 17.02 21.78 8.09
CA LEU A 402 16.76 23.06 8.77
C LEU A 402 17.09 23.02 10.25
N LEU A 403 16.81 21.87 10.87
CA LEU A 403 16.83 21.74 12.32
C LEU A 403 18.12 21.14 12.92
N GLY A 404 19.14 20.86 12.10
CA GLY A 404 20.44 20.41 12.61
C GLY A 404 20.90 19.02 12.22
N GLY A 405 20.15 18.31 11.38
CA GLY A 405 20.66 17.08 10.80
C GLY A 405 19.91 15.83 11.24
N PRO A 406 20.27 14.69 10.67
CA PRO A 406 19.51 13.45 10.87
C PRO A 406 19.50 12.94 12.30
N GLU A 407 20.57 13.13 13.09
CA GLU A 407 20.56 12.62 14.46
C GLU A 407 19.50 13.35 15.24
N ILE A 408 19.51 14.67 15.12
CA ILE A 408 18.54 15.53 15.78
C ILE A 408 17.12 15.23 15.31
N PHE A 409 16.92 15.07 13.99
CA PHE A 409 15.55 14.90 13.50
C PHE A 409 15.00 13.47 13.86
N LEU A 410 15.91 12.49 13.95
CA LEU A 410 15.53 11.13 14.39
C LEU A 410 15.10 11.14 15.86
N GLY A 411 15.68 12.03 16.68
CA GLY A 411 15.18 12.27 18.03
C GLY A 411 13.70 12.67 18.07
N PHE A 412 13.33 13.59 17.19
CA PHE A 412 11.94 14.00 16.99
C PHE A 412 11.05 12.85 16.55
N LEU A 413 11.52 12.09 15.58
CA LEU A 413 10.73 10.95 15.03
C LEU A 413 10.41 9.94 16.14
N LYS A 414 11.39 9.58 16.96
CA LYS A 414 11.13 8.64 18.05
C LYS A 414 10.15 9.21 19.09
N ALA A 415 10.29 10.49 19.42
CA ALA A 415 9.41 11.13 20.39
C ALA A 415 7.97 11.27 19.88
N TYR A 416 7.86 11.54 18.58
CA TYR A 416 6.59 11.59 17.85
C TYR A 416 5.85 10.25 17.90
N VAL A 417 6.56 9.16 17.61
CA VAL A 417 5.98 7.83 17.70
C VAL A 417 5.50 7.57 19.14
N GLU A 418 6.35 7.88 20.12
CA GLU A 418 6.02 7.64 21.52
C GLU A 418 4.77 8.42 21.89
N LYS A 419 4.76 9.69 21.51
CA LYS A 419 3.68 10.61 21.84
C LYS A 419 2.30 10.16 21.33
N PHE A 420 2.25 9.70 20.09
CA PHE A 420 0.99 9.38 19.44
C PHE A 420 0.70 7.85 19.22
N SER A 421 1.44 7.01 19.89
CA SER A 421 1.23 5.57 19.80
C SER A 421 -0.21 5.20 20.22
N TYR A 422 -0.86 4.34 19.41
CA TYR A 422 -2.21 3.84 19.64
C TYR A 422 -3.26 4.92 19.36
N LYS A 423 -2.84 6.01 18.74
CA LYS A 423 -3.73 7.12 18.44
C LYS A 423 -3.85 7.39 16.95
N SER A 424 -4.83 8.21 16.62
CA SER A 424 -5.11 8.62 15.23
C SER A 424 -5.07 10.14 15.23
N ILE A 425 -4.32 10.74 14.30
CA ILE A 425 -3.98 12.17 14.36
C ILE A 425 -4.10 12.88 13.03
N THR A 426 -4.20 14.22 13.11
CA THR A 426 -4.22 15.08 11.93
C THR A 426 -2.87 15.79 11.71
N THR A 427 -2.74 16.37 10.54
CA THR A 427 -1.61 17.21 10.24
C THR A 427 -1.38 18.27 11.32
N ASP A 428 -2.45 18.90 11.82
CA ASP A 428 -2.25 19.90 12.88
C ASP A 428 -1.73 19.32 14.17
N ASP A 429 -2.12 18.09 14.54
CA ASP A 429 -1.52 17.44 15.70
C ASP A 429 -0.04 17.23 15.53
N TRP A 430 0.36 16.81 14.33
CA TRP A 430 1.77 16.61 13.99
C TRP A 430 2.56 17.93 14.08
N LYS A 431 2.02 18.98 13.50
CA LYS A 431 2.70 20.27 13.42
C LYS A 431 2.84 20.86 14.85
N ASP A 432 1.80 20.68 15.65
CA ASP A 432 1.78 21.16 17.03
C ASP A 432 2.86 20.47 17.84
N PHE A 433 3.02 19.16 17.63
CA PHE A 433 4.06 18.42 18.33
C PHE A 433 5.46 18.78 17.83
N LEU A 434 5.63 18.98 16.52
CA LEU A 434 6.91 19.41 15.94
C LEU A 434 7.40 20.71 16.62
N TYR A 435 6.47 21.65 16.76
CA TYR A 435 6.73 22.95 17.40
C TYR A 435 7.05 22.82 18.87
N SER A 436 6.40 21.89 19.56
CA SER A 436 6.63 21.67 20.98
C SER A 436 8.01 21.04 21.16
N TYR A 437 8.32 20.02 20.34
CA TYR A 437 9.57 19.33 20.48
C TYR A 437 10.76 20.26 20.20
N PHE A 438 10.61 21.06 19.16
CA PHE A 438 11.63 21.98 18.68
C PHE A 438 11.38 23.40 19.18
N LYS A 439 10.87 23.53 20.41
CA LYS A 439 10.52 24.86 20.97
C LYS A 439 11.68 25.86 20.85
N ASP A 440 12.91 25.38 21.00
CA ASP A 440 14.09 26.26 20.97
C ASP A 440 14.57 26.60 19.57
N LYS A 441 13.93 26.04 18.54
CA LYS A 441 14.22 26.38 17.16
C LYS A 441 12.95 26.88 16.45
N VAL A 442 12.04 27.50 17.20
CA VAL A 442 10.81 28.01 16.59
C VAL A 442 11.09 29.04 15.53
N ASP A 443 12.17 29.83 15.68
CA ASP A 443 12.47 30.86 14.68
C ASP A 443 12.78 30.18 13.36
N VAL A 444 13.53 29.06 13.42
CA VAL A 444 13.83 28.28 12.22
C VAL A 444 12.53 27.71 11.60
N LEU A 445 11.70 27.09 12.42
CA LEU A 445 10.38 26.62 12.01
C LEU A 445 9.50 27.70 11.38
N ASN A 446 9.58 28.92 11.90
CA ASN A 446 8.70 29.97 11.37
C ASN A 446 9.16 30.45 9.98
N GLN A 447 10.36 30.05 9.56
CA GLN A 447 10.81 30.27 8.19
C GLN A 447 10.18 29.33 7.17
N VAL A 448 9.61 28.22 7.60
CA VAL A 448 8.96 27.38 6.58
C VAL A 448 7.61 27.94 6.12
N ASP A 449 7.38 27.85 4.83
CA ASP A 449 6.15 28.30 4.24
C ASP A 449 5.14 27.16 4.39
N TRP A 450 4.52 27.08 5.57
CA TRP A 450 3.61 26.00 5.92
C TRP A 450 2.43 25.91 4.96
N ASN A 451 1.86 27.07 4.62
CA ASN A 451 0.72 27.06 3.72
C ASN A 451 1.03 26.42 2.37
N ALA A 452 2.17 26.70 1.80
CA ALA A 452 2.55 26.16 0.51
C ALA A 452 2.87 24.66 0.65
N TRP A 453 3.70 24.30 1.63
CA TRP A 453 4.13 22.91 1.79
C TRP A 453 2.91 21.99 2.00
N LEU A 454 1.98 22.43 2.84
CA LEU A 454 0.88 21.57 3.29
C LEU A 454 -0.31 21.63 2.37
N TYR A 455 -0.59 22.81 1.81
CA TYR A 455 -1.91 23.06 1.19
C TYR A 455 -1.88 23.51 -0.28
N SER A 456 -0.71 23.78 -0.83
CA SER A 456 -0.66 24.22 -2.20
C SER A 456 -0.30 23.06 -3.14
N PRO A 457 -0.80 23.13 -4.37
CA PRO A 457 -0.40 22.18 -5.39
C PRO A 457 0.99 22.41 -5.96
N GLY A 458 1.49 21.43 -6.70
CA GLY A 458 2.76 21.53 -7.38
C GLY A 458 3.99 21.04 -6.60
N LEU A 459 5.17 21.29 -7.17
CA LEU A 459 6.41 20.99 -6.48
C LEU A 459 6.48 21.85 -5.23
N PRO A 460 7.14 21.35 -4.18
CA PRO A 460 7.34 22.16 -2.97
C PRO A 460 8.08 23.47 -3.25
N PRO A 461 7.92 24.45 -2.38
CA PRO A 461 8.54 25.78 -2.58
C PRO A 461 10.05 25.78 -2.44
N ILE A 462 10.60 24.77 -1.79
CA ILE A 462 12.05 24.62 -1.65
C ILE A 462 12.47 23.16 -1.80
N LYS A 463 13.55 22.96 -2.51
CA LYS A 463 14.15 21.65 -2.70
C LYS A 463 15.25 21.47 -1.70
N PRO A 464 15.27 20.34 -0.97
CA PRO A 464 16.38 20.05 -0.06
C PRO A 464 17.73 19.94 -0.77
N ASN A 465 18.77 19.88 0.04
CA ASN A 465 20.12 19.59 -0.43
C ASN A 465 20.39 18.09 -0.52
N TYR A 466 20.93 17.65 -1.64
CA TYR A 466 21.21 16.22 -1.85
C TYR A 466 22.65 16.05 -2.25
N ASP A 467 23.32 15.13 -1.57
CA ASP A 467 24.59 14.59 -2.04
C ASP A 467 24.35 13.89 -3.41
N MET A 468 25.24 14.17 -4.35
CA MET A 468 25.11 13.72 -5.75
C MET A 468 26.03 12.56 -6.11
N THR A 469 26.86 12.10 -5.18
CA THR A 469 27.94 11.17 -5.52
C THR A 469 27.50 9.99 -6.41
N LEU A 470 26.47 9.27 -5.96
CA LEU A 470 26.05 8.05 -6.61
C LEU A 470 25.12 8.37 -7.80
N THR A 471 24.58 9.57 -7.85
CA THR A 471 23.71 9.97 -8.93
C THR A 471 24.48 10.44 -10.16
N ASN A 472 25.62 11.07 -9.96
CA ASN A 472 26.33 11.72 -11.10
C ASN A 472 26.57 10.86 -12.35
N ALA A 473 27.05 9.63 -12.16
CA ALA A 473 27.24 8.70 -13.29
C ALA A 473 25.97 8.39 -14.07
N CYS A 474 24.84 8.34 -13.37
CA CYS A 474 23.56 8.05 -13.99
C CYS A 474 23.18 9.20 -14.91
N ILE A 475 23.26 10.40 -14.40
CA ILE A 475 22.95 11.63 -15.13
C ILE A 475 23.89 11.77 -16.33
N ALA A 476 25.18 11.55 -16.10
CA ALA A 476 26.17 11.70 -17.16
C ALA A 476 25.84 10.77 -18.31
N LEU A 477 25.55 9.52 -17.99
CA LEU A 477 25.29 8.56 -19.05
C LEU A 477 23.96 8.88 -19.78
N SER A 478 22.95 9.31 -19.03
CA SER A 478 21.67 9.67 -19.62
C SER A 478 21.85 10.84 -20.60
N GLN A 479 22.63 11.83 -20.19
CA GLN A 479 22.90 13.05 -21.00
C GLN A 479 23.66 12.69 -22.24
N ARG A 480 24.58 11.75 -22.15
CA ARG A 480 25.31 11.25 -23.33
C ARG A 480 24.32 10.69 -24.36
N TRP A 481 23.36 9.87 -23.91
CA TRP A 481 22.37 9.33 -24.82
C TRP A 481 21.45 10.37 -25.41
N ILE A 482 20.96 11.29 -24.58
CA ILE A 482 19.99 12.26 -25.05
C ILE A 482 20.62 13.21 -26.10
N THR A 483 21.89 13.56 -25.87
CA THR A 483 22.64 14.47 -26.73
C THR A 483 23.30 13.79 -27.92
N ALA A 484 23.31 12.47 -27.92
CA ALA A 484 23.89 11.71 -29.00
C ALA A 484 23.17 11.97 -30.29
N LYS A 485 23.93 12.13 -31.36
CA LYS A 485 23.38 12.03 -32.72
C LYS A 485 23.73 10.64 -33.31
N GLU A 486 23.25 10.34 -34.49
CA GLU A 486 23.49 9.04 -35.09
C GLU A 486 24.96 8.63 -35.06
N ASP A 487 25.87 9.54 -35.38
CA ASP A 487 27.32 9.20 -35.45
C ASP A 487 27.98 8.95 -34.11
N ASP A 488 27.25 9.21 -33.03
CA ASP A 488 27.73 8.97 -31.66
C ASP A 488 27.31 7.61 -31.12
N LEU A 489 26.36 6.96 -31.80
CA LEU A 489 25.81 5.70 -31.29
C LEU A 489 26.88 4.61 -31.17
N ASN A 490 27.86 4.63 -32.08
CA ASN A 490 28.90 3.59 -32.11
C ASN A 490 29.74 3.58 -30.85
N SER A 491 29.86 4.76 -30.25
CA SER A 491 30.71 4.98 -29.05
C SER A 491 30.23 4.20 -27.81
N PHE A 492 28.93 3.92 -27.72
CA PHE A 492 28.36 3.26 -26.58
C PHE A 492 28.73 1.79 -26.63
N ASN A 493 28.82 1.19 -25.46
CA ASN A 493 29.31 -0.18 -25.33
C ASN A 493 28.89 -0.69 -23.94
N ALA A 494 28.78 -2.00 -23.81
CA ALA A 494 28.51 -2.65 -22.51
C ALA A 494 29.38 -2.17 -21.34
N THR A 495 30.63 -1.76 -21.62
CA THR A 495 31.49 -1.26 -20.56
C THR A 495 30.98 0.01 -19.89
N ASP A 496 30.05 0.72 -20.53
CA ASP A 496 29.45 1.91 -19.97
C ASP A 496 28.79 1.61 -18.62
N LEU A 497 28.31 0.39 -18.48
CA LEU A 497 27.54 -0.07 -17.30
C LEU A 497 28.39 -0.76 -16.21
N LYS A 498 29.68 -0.94 -16.50
CA LYS A 498 30.63 -1.71 -15.66
C LYS A 498 30.51 -1.38 -14.17
N ASP A 499 30.51 -0.10 -13.88
CA ASP A 499 30.56 0.35 -12.51
C ASP A 499 29.20 0.81 -11.96
N LEU A 500 28.11 0.45 -12.62
CA LEU A 500 26.81 0.88 -12.14
C LEU A 500 26.12 -0.26 -11.41
N SER A 501 25.61 0.02 -10.23
CA SER A 501 24.79 -0.97 -9.54
C SER A 501 23.45 -1.05 -10.22
N SER A 502 22.65 -2.03 -9.80
CA SER A 502 21.31 -2.16 -10.37
C SER A 502 20.52 -0.90 -10.09
N HIS A 503 20.69 -0.29 -8.93
CA HIS A 503 19.98 0.92 -8.60
C HIS A 503 20.39 2.07 -9.49
N GLN A 504 21.66 2.12 -9.84
CA GLN A 504 22.15 3.16 -10.74
C GLN A 504 21.68 2.92 -12.20
N LEU A 505 21.59 1.66 -12.60
CA LEU A 505 21.03 1.34 -13.91
C LEU A 505 19.57 1.83 -14.00
N ASN A 506 18.81 1.55 -12.95
CA ASN A 506 17.45 2.01 -12.84
C ASN A 506 17.35 3.52 -12.95
N GLU A 507 18.22 4.22 -12.22
CA GLU A 507 18.21 5.66 -12.22
C GLU A 507 18.65 6.25 -13.55
N PHE A 508 19.62 5.66 -14.23
CA PHE A 508 19.92 5.98 -15.64
C PHE A 508 18.65 5.93 -16.52
N LEU A 509 17.91 4.84 -16.40
CA LEU A 509 16.65 4.68 -17.13
C LEU A 509 15.61 5.69 -16.75
N ALA A 510 15.47 5.99 -15.46
CA ALA A 510 14.50 6.97 -15.02
C ALA A 510 14.84 8.37 -15.56
N GLN A 511 16.13 8.70 -15.55
CA GLN A 511 16.58 9.99 -16.07
C GLN A 511 16.23 10.08 -17.54
N THR A 512 16.51 9.00 -18.24
CA THR A 512 16.28 9.00 -19.68
C THR A 512 14.77 9.03 -20.03
N LEU A 513 13.98 8.30 -19.24
CA LEU A 513 12.53 8.25 -19.44
C LEU A 513 11.89 9.61 -19.23
N GLN A 514 12.46 10.43 -18.36
CA GLN A 514 11.98 11.79 -18.16
C GLN A 514 12.05 12.65 -19.45
N ARG A 515 12.93 12.29 -20.40
CA ARG A 515 13.10 12.98 -21.69
C ARG A 515 12.56 12.18 -22.88
N ALA A 516 11.82 11.10 -22.64
CA ALA A 516 11.26 10.29 -23.70
C ALA A 516 10.19 11.06 -24.45
N PRO A 517 10.03 10.80 -25.75
CA PRO A 517 10.81 9.78 -26.48
C PRO A 517 12.20 10.16 -26.86
N LEU A 518 13.06 9.14 -27.02
CA LEU A 518 14.32 9.25 -27.76
C LEU A 518 14.14 8.71 -29.18
N PRO A 519 15.05 9.03 -30.09
CA PRO A 519 14.92 8.47 -31.44
C PRO A 519 14.95 6.93 -31.40
N LEU A 520 14.19 6.30 -32.29
CA LEU A 520 14.08 4.85 -32.31
C LEU A 520 15.44 4.20 -32.46
N GLY A 521 16.30 4.79 -33.30
CA GLY A 521 17.62 4.22 -33.51
C GLY A 521 18.48 4.23 -32.24
N HIS A 522 18.30 5.23 -31.39
CA HIS A 522 18.95 5.22 -30.09
C HIS A 522 18.52 4.04 -29.22
N ILE A 523 17.23 3.82 -29.14
CA ILE A 523 16.69 2.77 -28.31
C ILE A 523 17.10 1.40 -28.84
N LYS A 524 17.12 1.23 -30.16
CA LYS A 524 17.63 -0.01 -30.75
C LYS A 524 19.11 -0.21 -30.36
N ARG A 525 19.92 0.85 -30.42
CA ARG A 525 21.32 0.76 -30.05
C ARG A 525 21.46 0.39 -28.59
N MET A 526 20.59 0.96 -27.74
CA MET A 526 20.64 0.61 -26.33
C MET A 526 20.44 -0.88 -26.11
N GLN A 527 19.48 -1.48 -26.81
CA GLN A 527 19.28 -2.94 -26.70
C GLN A 527 20.53 -3.68 -27.21
N GLU A 528 21.13 -3.16 -28.27
CA GLU A 528 22.25 -3.84 -28.95
C GLU A 528 23.45 -3.91 -28.03
N VAL A 529 23.73 -2.84 -27.31
CA VAL A 529 24.92 -2.80 -26.50
C VAL A 529 24.71 -3.14 -25.01
N TYR A 530 23.50 -2.89 -24.49
CA TYR A 530 23.23 -3.10 -23.07
C TYR A 530 22.35 -4.30 -22.77
N ASN A 531 21.67 -4.85 -23.78
CA ASN A 531 20.78 -6.01 -23.70
C ASN A 531 19.82 -5.89 -22.52
N PHE A 532 19.19 -4.74 -22.42
CA PHE A 532 18.22 -4.53 -21.34
C PHE A 532 17.04 -5.49 -21.43
N ASN A 533 16.75 -6.06 -22.60
CA ASN A 533 15.67 -7.05 -22.68
C ASN A 533 15.93 -8.27 -21.79
N ALA A 534 17.19 -8.58 -21.51
CA ALA A 534 17.52 -9.71 -20.64
C ALA A 534 17.34 -9.51 -19.13
N ILE A 535 17.13 -8.26 -18.70
CA ILE A 535 17.08 -7.95 -17.26
C ILE A 535 15.67 -8.29 -16.77
N ASN A 536 15.58 -9.12 -15.75
CA ASN A 536 14.31 -9.54 -15.17
C ASN A 536 13.91 -8.69 -13.95
N ASN A 537 14.83 -7.93 -13.40
CA ASN A 537 14.50 -6.95 -12.36
C ASN A 537 13.27 -6.12 -12.79
N SER A 538 12.18 -6.20 -12.02
CA SER A 538 10.91 -5.62 -12.46
C SER A 538 10.95 -4.09 -12.56
N GLU A 539 11.62 -3.44 -11.65
CA GLU A 539 11.75 -1.97 -11.67
C GLU A 539 12.47 -1.53 -12.96
N ILE A 540 13.57 -2.19 -13.26
CA ILE A 540 14.38 -1.86 -14.44
C ILE A 540 13.60 -2.17 -15.70
N ARG A 541 13.03 -3.36 -15.76
CA ARG A 541 12.36 -3.77 -16.97
C ARG A 541 11.15 -2.87 -17.27
N PHE A 542 10.42 -2.52 -16.22
CA PHE A 542 9.31 -1.61 -16.33
C PHE A 542 9.73 -0.30 -17.05
N ARG A 543 10.81 0.33 -16.57
CA ARG A 543 11.23 1.63 -17.13
C ARG A 543 11.78 1.47 -18.55
N TRP A 544 12.49 0.40 -18.80
CA TRP A 544 13.01 0.07 -20.13
C TRP A 544 11.89 -0.12 -21.13
N LEU A 545 10.85 -0.86 -20.77
CA LEU A 545 9.75 -1.09 -21.70
C LEU A 545 8.95 0.17 -21.92
N ARG A 546 8.78 1.01 -20.88
CA ARG A 546 8.17 2.30 -21.08
C ARG A 546 8.95 3.15 -22.05
N LEU A 547 10.25 3.18 -21.90
CA LEU A 547 11.10 3.96 -22.79
C LEU A 547 10.97 3.43 -24.23
N CYS A 548 10.93 2.12 -24.40
CA CYS A 548 10.79 1.51 -25.72
C CYS A 548 9.44 1.82 -26.38
N ILE A 549 8.35 1.73 -25.62
CA ILE A 549 7.03 1.98 -26.16
C ILE A 549 6.81 3.47 -26.46
N GLN A 550 7.26 4.33 -25.55
CA GLN A 550 7.13 5.78 -25.77
C GLN A 550 7.98 6.23 -26.97
N SER A 551 9.05 5.49 -27.25
CA SER A 551 9.93 5.77 -28.38
C SER A 551 9.51 4.98 -29.64
N LYS A 552 8.33 4.33 -29.60
CA LYS A 552 7.63 3.73 -30.75
C LYS A 552 8.33 2.52 -31.36
N TRP A 553 8.93 1.72 -30.50
CA TRP A 553 9.59 0.49 -30.95
C TRP A 553 8.57 -0.64 -30.94
N GLU A 554 8.13 -1.05 -32.14
CA GLU A 554 7.05 -2.07 -32.24
C GLU A 554 7.45 -3.42 -31.64
N ASP A 555 8.75 -3.75 -31.68
CA ASP A 555 9.21 -5.03 -31.12
C ASP A 555 8.93 -5.14 -29.62
N ALA A 556 8.89 -3.99 -28.93
CA ALA A 556 8.61 -4.00 -27.48
C ALA A 556 7.16 -4.23 -27.11
N ILE A 557 6.25 -4.14 -28.07
CA ILE A 557 4.81 -4.25 -27.80
C ILE A 557 4.47 -5.59 -27.10
N PRO A 558 4.87 -6.75 -27.66
CA PRO A 558 4.53 -8.00 -26.99
C PRO A 558 5.18 -8.15 -25.60
N LEU A 559 6.35 -7.55 -25.44
CA LEU A 559 7.04 -7.57 -24.14
C LEU A 559 6.28 -6.77 -23.10
N ALA A 560 5.85 -5.55 -23.45
CA ALA A 560 5.06 -4.70 -22.57
C ALA A 560 3.71 -5.30 -22.25
N LEU A 561 3.05 -5.90 -23.25
CA LEU A 561 1.77 -6.54 -23.00
C LEU A 561 1.93 -7.70 -22.03
N LYS A 562 2.97 -8.50 -22.25
CA LYS A 562 3.30 -9.63 -21.39
C LYS A 562 3.50 -9.17 -19.94
N MET A 563 4.35 -8.16 -19.75
CA MET A 563 4.60 -7.71 -18.38
C MET A 563 3.34 -7.12 -17.74
N ALA A 564 2.53 -6.40 -18.51
CA ALA A 564 1.31 -5.77 -18.01
C ALA A 564 0.28 -6.80 -17.51
N THR A 565 0.27 -7.98 -18.11
CA THR A 565 -0.74 -8.99 -17.80
C THR A 565 -0.25 -10.13 -16.93
N GLU A 566 1.02 -10.51 -17.03
CA GLU A 566 1.54 -11.67 -16.29
C GLU A 566 1.74 -11.36 -14.81
N GLN A 567 1.79 -10.06 -14.49
CA GLN A 567 1.66 -9.61 -13.11
C GLN A 567 0.71 -8.43 -13.09
N GLY A 568 0.33 -8.00 -11.90
CA GLY A 568 -0.69 -6.98 -11.72
C GLY A 568 -0.40 -5.88 -10.71
N ARG A 569 0.86 -5.66 -10.38
CA ARG A 569 1.24 -4.56 -9.48
C ARG A 569 0.88 -3.31 -10.23
N MET A 570 0.02 -2.47 -9.66
CA MET A 570 -0.52 -1.33 -10.41
C MET A 570 0.57 -0.35 -10.89
N LYS A 571 1.65 -0.22 -10.09
CA LYS A 571 2.80 0.60 -10.43
C LYS A 571 3.31 0.32 -11.85
N PHE A 572 3.30 -0.96 -12.23
CA PHE A 572 3.77 -1.44 -13.53
C PHE A 572 2.63 -1.63 -14.54
N THR A 573 1.58 -2.31 -14.13
CA THR A 573 0.47 -2.58 -15.03
C THR A 573 -0.23 -1.30 -15.56
N ARG A 574 -0.53 -0.33 -14.71
CA ARG A 574 -1.18 0.87 -15.20
C ARG A 574 -0.41 1.67 -16.25
N PRO A 575 0.84 2.08 -15.98
CA PRO A 575 1.55 2.86 -17.00
C PRO A 575 1.87 2.05 -18.26
N LEU A 576 2.08 0.74 -18.15
CA LEU A 576 2.37 -0.07 -19.35
C LEU A 576 1.13 -0.07 -20.23
N PHE A 577 -0.04 -0.27 -19.65
CA PHE A 577 -1.27 -0.29 -20.45
C PHE A 577 -1.54 1.11 -21.03
N LYS A 578 -1.30 2.15 -20.24
CA LYS A 578 -1.50 3.50 -20.71
C LYS A 578 -0.55 3.87 -21.85
N ASP A 579 0.71 3.46 -21.72
CA ASP A 579 1.70 3.70 -22.75
C ASP A 579 1.35 2.95 -24.05
N LEU A 580 0.94 1.69 -23.88
CA LEU A 580 0.51 0.89 -25.02
C LEU A 580 -0.74 1.47 -25.72
N ALA A 581 -1.63 2.06 -24.94
CA ALA A 581 -2.79 2.74 -25.50
C ALA A 581 -2.43 4.01 -26.25
N ALA A 582 -1.39 4.72 -25.83
CA ALA A 582 -0.98 5.98 -26.46
C ALA A 582 -0.14 5.76 -27.70
N PHE A 583 0.34 4.54 -27.91
CA PHE A 583 1.10 4.18 -29.10
C PHE A 583 0.07 3.67 -30.10
N ASP A 584 -0.11 4.39 -31.22
CA ASP A 584 -1.11 3.97 -32.21
C ASP A 584 -0.97 2.54 -32.69
N LYS A 585 0.25 2.03 -32.80
CA LYS A 585 0.45 0.65 -33.29
C LYS A 585 -0.06 -0.42 -32.33
N SER A 586 -0.07 -0.11 -31.03
CA SER A 586 -0.47 -1.08 -30.02
C SER A 586 -1.83 -0.79 -29.39
N HIS A 587 -2.43 0.32 -29.75
CA HIS A 587 -3.65 0.80 -29.09
C HIS A 587 -4.77 -0.20 -29.09
N ASP A 588 -5.12 -0.73 -30.27
CA ASP A 588 -6.28 -1.62 -30.33
C ASP A 588 -6.01 -2.92 -29.56
N GLN A 589 -4.77 -3.41 -29.62
CA GLN A 589 -4.44 -4.63 -28.90
C GLN A 589 -4.41 -4.42 -27.37
N ALA A 590 -4.00 -3.24 -26.95
CA ALA A 590 -4.02 -2.87 -25.51
C ALA A 590 -5.45 -2.89 -24.94
N VAL A 591 -6.40 -2.30 -25.68
CA VAL A 591 -7.80 -2.30 -25.28
C VAL A 591 -8.40 -3.71 -25.30
N ARG A 592 -8.10 -4.48 -26.35
CA ARG A 592 -8.58 -5.86 -26.47
C ARG A 592 -8.07 -6.73 -25.34
N THR A 593 -6.79 -6.57 -25.04
CA THR A 593 -6.15 -7.37 -24.01
C THR A 593 -6.79 -7.03 -22.64
N TYR A 594 -6.99 -5.75 -22.36
CA TYR A 594 -7.64 -5.34 -21.11
C TYR A 594 -9.08 -5.96 -21.06
N GLN A 595 -9.86 -5.82 -22.14
CA GLN A 595 -11.20 -6.38 -22.17
C GLN A 595 -11.23 -7.88 -21.90
N GLU A 596 -10.26 -8.59 -22.48
CA GLU A 596 -10.17 -10.03 -22.36
C GLU A 596 -9.78 -10.48 -20.93
N HIS A 597 -8.99 -9.66 -20.25
CA HIS A 597 -8.46 -10.00 -18.93
C HIS A 597 -9.27 -9.47 -17.75
N LYS A 598 -10.11 -8.49 -18.03
CA LYS A 598 -10.74 -7.64 -17.01
C LYS A 598 -11.48 -8.48 -15.95
N ALA A 599 -12.21 -9.50 -16.41
CA ALA A 599 -12.99 -10.34 -15.49
C ALA A 599 -12.15 -11.17 -14.49
N SER A 600 -10.89 -11.44 -14.83
CA SER A 600 -9.98 -12.17 -13.97
C SER A 600 -8.91 -11.27 -13.32
N MET A 601 -9.09 -9.96 -13.41
CA MET A 601 -8.19 -9.03 -12.75
C MET A 601 -8.70 -8.73 -11.34
N HIS A 602 -7.80 -8.16 -10.54
CA HIS A 602 -8.12 -7.59 -9.23
C HIS A 602 -9.19 -6.50 -9.49
N PRO A 603 -10.24 -6.43 -8.67
CA PRO A 603 -11.31 -5.44 -8.93
C PRO A 603 -10.86 -3.99 -8.98
N VAL A 604 -9.92 -3.58 -8.13
CA VAL A 604 -9.45 -2.22 -8.11
C VAL A 604 -8.56 -1.92 -9.32
N THR A 605 -7.63 -2.83 -9.59
CA THR A 605 -6.80 -2.74 -10.79
C THR A 605 -7.64 -2.64 -12.05
N ALA A 606 -8.71 -3.44 -12.13
CA ALA A 606 -9.59 -3.46 -13.30
C ALA A 606 -10.26 -2.13 -13.47
N MET A 607 -10.73 -1.58 -12.35
CA MET A 607 -11.41 -0.30 -12.36
C MET A 607 -10.48 0.79 -12.85
N LEU A 608 -9.27 0.80 -12.35
CA LEU A 608 -8.35 1.89 -12.66
C LEU A 608 -7.77 1.80 -14.07
N VAL A 609 -7.43 0.61 -14.52
CA VAL A 609 -6.96 0.44 -15.88
C VAL A 609 -8.07 0.85 -16.86
N GLY A 610 -9.31 0.45 -16.56
CA GLY A 610 -10.45 0.87 -17.37
C GLY A 610 -10.51 2.37 -17.48
N LYS A 611 -10.36 3.06 -16.36
CA LYS A 611 -10.42 4.52 -16.37
C LYS A 611 -9.25 5.10 -17.17
N ASP A 612 -8.08 4.55 -16.97
CA ASP A 612 -6.88 4.99 -17.69
C ASP A 612 -7.05 4.87 -19.21
N LEU A 613 -7.63 3.78 -19.65
CA LEU A 613 -7.83 3.46 -21.07
C LEU A 613 -9.10 4.10 -21.65
N LYS A 614 -9.88 4.76 -20.80
CA LYS A 614 -11.19 5.29 -21.19
C LYS A 614 -12.10 4.27 -21.82
N VAL A 615 -12.12 3.06 -21.26
CA VAL A 615 -13.15 2.08 -21.55
C VAL A 615 -14.44 2.25 -20.74
N ASP A 616 -15.39 1.38 -21.10
CA ASP A 616 -16.76 1.25 -20.59
C ASP A 616 -17.56 2.54 -20.60
ZN ZN B . 3.64 2.98 2.95
YB YB C . 28.46 14.24 -34.86
N1 IMD D . 14.75 9.91 -11.11
C2 IMD D . 13.90 9.06 -10.54
N3 IMD D . 12.68 9.25 -11.14
C4 IMD D . 12.84 10.20 -12.10
C5 IMD D . 14.12 10.67 -12.09
C3 BIR E . -0.51 1.57 0.52
C2 BIR E . 0.39 0.93 1.61
N1 BIR E . 0.22 1.57 2.89
P4 BIR E . 2.20 1.00 1.16
O6 BIR E . 3.03 0.15 2.15
O5 BIR E . 2.56 2.52 1.34
C7 BIR E . 2.36 0.66 -0.62
C8 BIR E . 3.70 0.99 -1.26
C10 BIR E . 3.57 0.54 -2.69
O23 BIR E . 3.30 -0.62 -2.93
N24 BIR E . 3.40 1.52 -3.63
C25 BIR E . 3.08 1.22 -4.99
C26 BIR E . 3.14 2.48 -5.83
C27 BIR E . 4.13 0.20 -5.54
O28 BIR E . 3.55 -0.79 -6.22
O29 BIR E . 5.35 0.29 -5.40
C9 BIR E . 4.92 0.26 -0.67
C11 BIR E . 6.21 0.62 -1.37
C12 BIR E . 6.58 0.02 -2.59
C13 BIR E . 7.66 0.46 -3.36
C14 BIR E . 8.46 1.49 -2.85
C15 BIR E . 8.06 2.12 -1.68
C16 BIR E . 6.96 1.69 -0.92
C17 BIR E . 9.61 1.96 -3.65
C18 BIR E . 9.97 3.32 -3.70
C19 BIR E . 11.04 3.76 -4.50
C20 BIR E . 11.78 2.84 -5.30
C21 BIR E . 11.40 1.48 -5.26
C22 BIR E . 10.32 1.04 -4.50
#